data_6S3B
#
_entry.id   6S3B
#
_cell.length_a   45.390
_cell.length_b   69.219
_cell.length_c   92.333
_cell.angle_alpha   90.00
_cell.angle_beta   90.00
_cell.angle_gamma   90.00
#
_symmetry.space_group_name_H-M   'P 21 21 21'
#
loop_
_entity.id
_entity.type
_entity.pdbx_description
1 polymer 'Aromatic acid chemoreceptor'
2 non-polymer 'BENZOIC ACID'
3 non-polymer 'ACETATE ION'
4 non-polymer 1,2-ETHANEDIOL
5 non-polymer 'SODIUM ION'
6 water water
#
_entity_poly.entity_id   1
_entity_poly.type   'polypeptide(L)'
_entity_poly.pdbx_seq_one_letter_code
;MVPTRSTARMLANLKIRTGMFWVLSLFSLTLLFSTASAWWAALGSDQQITELDQTAHQSDRLNNALLMAIRSSANVSSGF
IEQLGGHDESAGKRMALSVELNNKSQALVDEFVENAREPALRGLATELQATFAEYAKAVAGQREATRQRSLEQYFKVNSD
AGNAMGRLQTLRQQLVTTLSERGQQIMLESDRRLARAQLLSLCLLGVTVVLAVLCWAFIAQRVLHPLREAGGHFRRIASG
DLSVPVQGQGNNEIGQLFHELQRMQQSQRDTLGQINNCARQLDAAATALNAVTEESANNLRQQGQELEQAATAVTEMTTA
VEEVARNAITTSQTTSESNQLAAQSRRQVSENIDGTEAMTREIQTSSAHLQQLVGQVRDIGKVLEVIRSVSEQTNLLALN
AAIEAARAGEAGRGFAVVADEVRTLAYRTQQSTQEIEQMIGSVQAGTEAAVASMQASTNRAQSTLDVTLASGQVLEGIYS
AIGEINERNLVIASAAEEQAQVAREVDRNLLNIRELSNHSAAGAQQTSEASKALSGLVGEMTALVGRFKV
;
_entity_poly.pdbx_strand_id   A,B
#
# COMPACT_ATOMS: atom_id res chain seq x y z
N THR A 50 -23.11 -10.18 -15.66
CA THR A 50 -22.73 -10.57 -14.32
C THR A 50 -21.39 -11.30 -14.21
N GLU A 51 -20.96 -12.03 -15.23
CA GLU A 51 -19.57 -12.46 -15.19
C GLU A 51 -18.67 -11.25 -15.30
N LEU A 52 -19.14 -10.24 -16.00
CA LEU A 52 -18.47 -8.94 -16.00
C LEU A 52 -18.38 -8.39 -14.58
N ASP A 53 -19.48 -8.49 -13.84
CA ASP A 53 -19.49 -8.08 -12.44
C ASP A 53 -18.46 -8.84 -11.64
N GLN A 54 -18.31 -10.15 -11.88
N GLN A 54 -18.31 -10.13 -11.91
CA GLN A 54 -17.38 -10.93 -11.06
CA GLN A 54 -17.43 -10.94 -11.08
C GLN A 54 -15.93 -10.52 -11.31
C GLN A 54 -15.96 -10.62 -11.34
N THR A 55 -15.59 -10.21 -12.56
CA THR A 55 -14.23 -9.75 -12.86
CA THR A 55 -14.21 -9.77 -12.81
C THR A 55 -13.89 -8.50 -12.04
N ALA A 56 -14.86 -7.57 -11.89
CA ALA A 56 -14.60 -6.35 -11.14
C ALA A 56 -14.46 -6.64 -9.67
N HIS A 57 -15.29 -7.55 -9.15
CA HIS A 57 -15.17 -7.93 -7.75
C HIS A 57 -13.81 -8.56 -7.50
N GLN A 58 -13.31 -9.35 -8.46
CA GLN A 58 -11.99 -9.96 -8.31
C GLN A 58 -10.91 -8.90 -8.31
N SER A 59 -10.95 -7.96 -9.26
N SER A 59 -10.95 -7.97 -9.28
CA SER A 59 -9.89 -6.94 -9.29
CA SER A 59 -9.96 -6.90 -9.32
C SER A 59 -9.93 -6.09 -8.03
C SER A 59 -9.95 -6.14 -8.01
N ASP A 60 -11.12 -5.89 -7.45
CA ASP A 60 -11.22 -5.14 -6.20
C ASP A 60 -10.65 -5.90 -5.01
N ARG A 61 -10.90 -7.20 -4.91
CA ARG A 61 -10.22 -8.00 -3.89
C ARG A 61 -8.71 -7.83 -4.00
N LEU A 62 -8.21 -7.90 -5.21
CA LEU A 62 -6.78 -7.87 -5.40
C LEU A 62 -6.22 -6.54 -4.98
N ASN A 63 -6.89 -5.46 -5.42
CA ASN A 63 -6.37 -4.11 -5.15
C ASN A 63 -6.37 -3.80 -3.65
N ASN A 64 -7.46 -4.14 -3.00
CA ASN A 64 -7.53 -3.93 -1.55
C ASN A 64 -6.52 -4.79 -0.82
N ALA A 65 -6.36 -6.05 -1.24
CA ALA A 65 -5.39 -6.96 -0.60
C ALA A 65 -3.97 -6.40 -0.65
N LEU A 66 -3.53 -5.92 -1.84
CA LEU A 66 -2.17 -5.37 -1.92
C LEU A 66 -2.06 -4.11 -1.11
N LEU A 67 -3.06 -3.24 -1.19
CA LEU A 67 -2.95 -1.98 -0.45
C LEU A 67 -2.85 -2.27 1.05
N MET A 68 -3.69 -3.16 1.57
CA MET A 68 -3.65 -3.42 3.02
C MET A 68 -2.36 -4.12 3.43
N ALA A 69 -1.81 -4.98 2.56
CA ALA A 69 -0.57 -5.68 2.84
C ALA A 69 0.57 -4.68 2.96
N ILE A 70 0.60 -3.63 2.10
CA ILE A 70 1.68 -2.66 2.26
C ILE A 70 1.42 -1.76 3.47
N ARG A 71 0.16 -1.41 3.70
CA ARG A 71 -0.19 -0.69 4.93
C ARG A 71 0.28 -1.45 6.17
N SER A 72 0.17 -2.77 6.13
CA SER A 72 0.53 -3.58 7.31
C SER A 72 2.04 -3.40 7.64
N SER A 73 2.86 -3.32 6.59
CA SER A 73 4.29 -3.10 6.76
C SER A 73 4.60 -1.68 7.19
N ALA A 74 3.82 -0.72 6.67
CA ALA A 74 3.98 0.68 7.10
C ALA A 74 3.67 0.83 8.60
N ASN A 75 2.76 -0.02 9.13
CA ASN A 75 2.42 0.05 10.54
C ASN A 75 3.48 -0.65 11.40
N VAL A 76 4.06 -1.76 10.96
CA VAL A 76 5.04 -2.40 11.85
C VAL A 76 6.31 -1.54 11.92
N SER A 77 6.76 -1.00 10.78
CA SER A 77 7.99 -0.17 10.82
C SER A 77 7.73 1.14 11.56
N SER A 78 6.58 1.82 11.31
CA SER A 78 6.37 3.03 12.08
C SER A 78 6.10 2.71 13.55
N GLY A 79 5.45 1.56 13.83
CA GLY A 79 5.27 1.10 15.20
C GLY A 79 6.59 0.84 15.91
N PHE A 80 7.54 0.22 15.22
CA PHE A 80 8.87 -0.01 15.80
C PHE A 80 9.52 1.32 16.22
N ILE A 81 9.42 2.35 15.35
CA ILE A 81 9.96 3.67 15.65
C ILE A 81 9.26 4.25 16.87
N GLU A 82 7.93 4.17 16.92
CA GLU A 82 7.22 4.63 18.11
C GLU A 82 7.72 3.93 19.39
N GLN A 83 7.85 2.62 19.33
CA GLN A 83 8.35 1.82 20.45
C GLN A 83 9.71 2.35 20.95
N LEU A 84 10.63 2.57 20.00
CA LEU A 84 11.99 3.04 20.34
C LEU A 84 11.93 4.45 20.87
N GLY A 85 10.98 5.22 20.43
CA GLY A 85 10.76 6.50 21.07
C GLY A 85 10.06 6.45 22.42
N GLY A 86 9.72 5.28 22.92
CA GLY A 86 9.04 5.17 24.20
C GLY A 86 7.53 5.27 24.18
N HIS A 87 6.88 5.22 23.00
CA HIS A 87 5.41 5.31 22.90
C HIS A 87 4.84 3.89 22.77
N ASP A 88 4.99 3.10 23.86
CA ASP A 88 4.61 1.69 23.83
C ASP A 88 3.12 1.49 23.53
N GLU A 89 2.27 2.34 24.06
CA GLU A 89 0.84 2.10 23.82
C GLU A 89 0.51 2.33 22.37
N SER A 90 1.05 3.41 21.78
CA SER A 90 0.81 3.65 20.35
C SER A 90 1.46 2.56 19.48
N ALA A 91 2.66 2.07 19.84
CA ALA A 91 3.30 0.97 19.12
C ALA A 91 2.43 -0.28 19.20
N GLY A 92 1.85 -0.54 20.37
CA GLY A 92 1.02 -1.75 20.50
C GLY A 92 -0.22 -1.67 19.61
N LYS A 93 -0.83 -0.47 19.47
CA LYS A 93 -1.98 -0.36 18.57
C LYS A 93 -1.55 -0.53 17.11
N ARG A 94 -0.33 -0.03 16.77
CA ARG A 94 0.18 -0.24 15.40
C ARG A 94 0.51 -1.71 15.13
N MET A 95 0.98 -2.45 16.15
CA MET A 95 1.14 -3.89 15.95
C MET A 95 -0.19 -4.53 15.60
N ALA A 96 -1.23 -4.25 16.43
CA ALA A 96 -2.58 -4.82 16.22
C ALA A 96 -3.12 -4.39 14.87
N LEU A 97 -2.88 -3.15 14.49
CA LEU A 97 -3.34 -2.74 13.17
C LEU A 97 -2.58 -3.50 12.06
N SER A 98 -1.26 -3.66 12.20
CA SER A 98 -0.50 -4.45 11.25
C SER A 98 -1.04 -5.89 11.14
N VAL A 99 -1.38 -6.52 12.28
CA VAL A 99 -1.99 -7.87 12.26
C VAL A 99 -3.28 -7.88 11.47
N GLU A 100 -4.14 -6.91 11.76
CA GLU A 100 -5.50 -6.89 11.23
C GLU A 100 -5.48 -6.64 9.73
N LEU A 101 -4.62 -5.72 9.29
CA LEU A 101 -4.46 -5.47 7.84
C LEU A 101 -3.97 -6.71 7.11
N ASN A 102 -2.93 -7.36 7.62
CA ASN A 102 -2.45 -8.52 6.88
C ASN A 102 -3.45 -9.66 6.92
N ASN A 103 -4.20 -9.80 8.02
CA ASN A 103 -5.19 -10.87 8.09
C ASN A 103 -6.35 -10.61 7.13
N LYS A 104 -6.83 -9.36 7.05
CA LYS A 104 -7.81 -9.01 6.01
C LYS A 104 -7.30 -9.24 4.57
N SER A 105 -6.06 -8.85 4.25
CA SER A 105 -5.52 -9.18 2.91
C SER A 105 -5.49 -10.67 2.65
N GLN A 106 -5.03 -11.46 3.62
CA GLN A 106 -5.02 -12.90 3.42
C GLN A 106 -6.42 -13.40 3.10
N ALA A 107 -7.43 -12.87 3.84
CA ALA A 107 -8.80 -13.34 3.63
C ALA A 107 -9.31 -12.97 2.24
N LEU A 108 -9.02 -11.75 1.77
CA LEU A 108 -9.39 -11.36 0.39
C LEU A 108 -8.66 -12.20 -0.65
N VAL A 109 -7.40 -12.54 -0.39
CA VAL A 109 -6.70 -13.41 -1.35
C VAL A 109 -7.36 -14.79 -1.42
N ASP A 110 -7.79 -15.34 -0.27
CA ASP A 110 -8.53 -16.61 -0.26
C ASP A 110 -9.84 -16.50 -1.04
N GLU A 111 -10.59 -15.43 -0.81
CA GLU A 111 -11.79 -15.19 -1.61
C GLU A 111 -11.42 -15.12 -3.09
N PHE A 112 -10.27 -14.50 -3.40
CA PHE A 112 -9.85 -14.35 -4.79
C PHE A 112 -9.59 -15.73 -5.41
N VAL A 113 -8.93 -16.61 -4.67
CA VAL A 113 -8.74 -17.98 -5.14
C VAL A 113 -10.08 -18.70 -5.27
N GLU A 114 -10.96 -18.54 -4.27
CA GLU A 114 -12.28 -19.20 -4.24
C GLU A 114 -13.11 -18.86 -5.49
N ASN A 115 -12.99 -17.63 -5.97
CA ASN A 115 -13.71 -17.17 -7.16
C ASN A 115 -12.95 -17.35 -8.49
N ALA A 116 -11.69 -17.76 -8.49
CA ALA A 116 -10.96 -17.98 -9.77
C ALA A 116 -11.30 -19.35 -10.36
N ARG A 117 -12.04 -19.35 -11.47
N ARG A 117 -12.08 -19.35 -11.45
CA ARG A 117 -12.42 -20.60 -12.12
CA ARG A 117 -12.47 -20.58 -12.14
C ARG A 117 -11.40 -21.05 -13.15
C ARG A 117 -11.41 -21.03 -13.14
N GLU A 118 -11.29 -20.31 -14.26
CA GLU A 118 -10.49 -20.68 -15.43
C GLU A 118 -9.01 -20.90 -15.16
N PRO A 119 -8.36 -21.76 -15.96
CA PRO A 119 -7.03 -22.26 -15.62
C PRO A 119 -5.95 -21.21 -15.61
N ALA A 120 -5.95 -20.30 -16.60
CA ALA A 120 -5.07 -19.13 -16.52
C ALA A 120 -5.14 -18.50 -15.14
N LEU A 121 -6.33 -18.07 -14.76
CA LEU A 121 -6.49 -17.27 -13.54
C LEU A 121 -6.11 -18.06 -12.30
N ARG A 122 -6.60 -19.29 -12.18
CA ARG A 122 -6.41 -20.06 -10.93
C ARG A 122 -4.95 -20.33 -10.57
N GLY A 123 -4.07 -20.48 -11.54
CA GLY A 123 -2.66 -20.72 -11.25
C GLY A 123 -1.91 -19.49 -10.79
N LEU A 124 -2.08 -18.36 -11.49
CA LEU A 124 -1.57 -17.11 -10.96
C LEU A 124 -2.09 -16.86 -9.55
N ALA A 125 -3.38 -17.15 -9.32
CA ALA A 125 -4.02 -16.85 -8.05
C ALA A 125 -3.48 -17.76 -6.94
N THR A 126 -3.22 -19.01 -7.23
CA THR A 126 -2.64 -19.79 -6.16
C THR A 126 -1.18 -19.40 -5.88
N GLU A 127 -0.46 -18.86 -6.87
CA GLU A 127 0.88 -18.37 -6.58
C GLU A 127 0.85 -17.06 -5.78
N LEU A 128 -0.13 -16.21 -6.05
CA LEU A 128 -0.30 -15.03 -5.17
C LEU A 128 -0.54 -15.46 -3.74
N GLN A 129 -1.39 -16.47 -3.55
CA GLN A 129 -1.74 -16.97 -2.23
C GLN A 129 -0.51 -17.48 -1.49
N ALA A 130 0.32 -18.28 -2.17
CA ALA A 130 1.55 -18.81 -1.58
C ALA A 130 2.54 -17.70 -1.28
N THR A 131 2.70 -16.75 -2.21
CA THR A 131 3.59 -15.62 -1.97
C THR A 131 3.10 -14.79 -0.78
N PHE A 132 1.79 -14.60 -0.67
CA PHE A 132 1.30 -13.82 0.45
C PHE A 132 1.67 -14.50 1.77
N ALA A 133 1.58 -15.83 1.85
CA ALA A 133 1.99 -16.56 3.06
C ALA A 133 3.43 -16.22 3.44
N GLU A 134 4.33 -16.16 2.45
N GLU A 134 4.33 -16.14 2.45
CA GLU A 134 5.70 -15.78 2.71
CA GLU A 134 5.71 -15.79 2.76
C GLU A 134 5.76 -14.36 3.26
C GLU A 134 5.79 -14.35 3.25
N TYR A 135 5.10 -13.44 2.59
CA TYR A 135 5.02 -12.07 3.06
C TYR A 135 4.48 -12.01 4.47
N ALA A 136 3.35 -12.71 4.74
CA ALA A 136 2.73 -12.60 6.07
C ALA A 136 3.68 -13.08 7.16
N LYS A 137 4.43 -14.14 6.87
CA LYS A 137 5.32 -14.70 7.87
C LYS A 137 6.46 -13.72 8.15
N ALA A 138 6.90 -13.00 7.10
CA ALA A 138 8.00 -12.04 7.28
C ALA A 138 7.54 -10.86 8.14
N VAL A 139 6.33 -10.36 7.88
CA VAL A 139 5.82 -9.24 8.67
C VAL A 139 5.60 -9.67 10.13
N ALA A 140 5.02 -10.85 10.35
CA ALA A 140 4.94 -11.39 11.70
C ALA A 140 6.34 -11.41 12.33
N GLY A 141 7.37 -11.74 11.55
CA GLY A 141 8.72 -11.73 12.10
C GLY A 141 9.10 -10.34 12.55
N GLN A 142 8.72 -9.33 11.74
CA GLN A 142 9.03 -7.93 12.05
C GLN A 142 8.29 -7.47 13.29
N ARG A 143 7.03 -7.94 13.46
CA ARG A 143 6.25 -7.55 14.66
C ARG A 143 6.90 -8.10 15.91
N GLU A 144 7.38 -9.36 15.87
CA GLU A 144 8.05 -9.92 17.05
C GLU A 144 9.40 -9.26 17.33
N ALA A 145 10.16 -8.88 16.29
CA ALA A 145 11.36 -8.08 16.59
C ALA A 145 10.97 -6.76 17.29
N THR A 146 9.84 -6.18 16.91
CA THR A 146 9.40 -4.93 17.55
C THR A 146 9.03 -5.15 19.02
N ARG A 147 8.21 -6.18 19.30
CA ARG A 147 7.87 -6.54 20.68
C ARG A 147 9.11 -6.85 21.48
N GLN A 148 10.08 -7.52 20.87
N GLN A 148 10.08 -7.53 20.86
CA GLN A 148 11.33 -7.83 21.55
CA GLN A 148 11.34 -7.83 21.53
C GLN A 148 12.36 -6.71 21.46
C GLN A 148 12.35 -6.70 21.48
N ARG A 149 12.01 -5.59 20.80
CA ARG A 149 12.87 -4.39 20.75
C ARG A 149 14.24 -4.69 20.17
N SER A 150 14.30 -5.50 19.12
CA SER A 150 15.58 -5.98 18.62
C SER A 150 15.71 -5.55 17.17
N LEU A 151 16.58 -4.54 16.92
CA LEU A 151 16.90 -4.14 15.55
C LEU A 151 17.39 -5.33 14.76
N GLU A 152 18.11 -6.22 15.43
N GLU A 152 18.16 -6.21 15.42
CA GLU A 152 18.84 -7.27 14.73
CA GLU A 152 18.85 -7.28 14.73
C GLU A 152 17.89 -8.28 14.11
C GLU A 152 17.86 -8.24 14.08
N GLN A 153 16.88 -8.74 14.86
CA GLN A 153 15.88 -9.62 14.26
C GLN A 153 15.09 -8.86 13.19
N TYR A 154 14.83 -7.56 13.40
CA TYR A 154 14.08 -6.78 12.42
C TYR A 154 14.76 -6.80 11.06
N PHE A 155 16.04 -6.42 11.00
CA PHE A 155 16.70 -6.36 9.70
C PHE A 155 16.74 -7.73 9.04
N LYS A 156 16.82 -8.79 9.88
CA LYS A 156 16.87 -10.20 9.45
C LYS A 156 15.69 -10.59 8.54
N VAL A 157 14.50 -10.07 8.82
CA VAL A 157 13.29 -10.41 8.08
C VAL A 157 12.75 -9.25 7.23
N ASN A 158 13.15 -8.00 7.53
CA ASN A 158 12.77 -6.88 6.68
C ASN A 158 13.06 -7.18 5.22
N SER A 159 14.19 -7.84 4.94
CA SER A 159 14.53 -8.07 3.54
C SER A 159 13.63 -9.15 2.94
N ASP A 160 13.40 -10.26 3.65
CA ASP A 160 12.35 -11.23 3.31
C ASP A 160 11.00 -10.60 2.97
N ALA A 161 10.54 -9.67 3.82
CA ALA A 161 9.27 -8.99 3.52
C ALA A 161 9.35 -8.23 2.20
N GLY A 162 10.41 -7.46 2.00
CA GLY A 162 10.51 -6.67 0.78
C GLY A 162 10.61 -7.52 -0.48
N ASN A 163 11.23 -8.71 -0.39
N ASN A 163 11.27 -8.68 -0.40
CA ASN A 163 11.32 -9.57 -1.58
CA ASN A 163 11.31 -9.57 -1.55
C ASN A 163 9.99 -10.28 -1.90
C ASN A 163 9.93 -10.14 -1.87
N ALA A 164 9.32 -10.82 -0.91
CA ALA A 164 7.96 -11.29 -1.14
C ALA A 164 7.07 -10.15 -1.63
N MET A 165 7.19 -8.94 -1.06
CA MET A 165 6.31 -7.85 -1.51
C MET A 165 6.57 -7.50 -2.98
N GLY A 166 7.84 -7.56 -3.41
CA GLY A 166 8.13 -7.39 -4.84
C GLY A 166 7.44 -8.42 -5.73
N ARG A 167 7.42 -9.68 -5.32
CA ARG A 167 6.73 -10.68 -6.12
C ARG A 167 5.22 -10.45 -6.07
N LEU A 168 4.67 -10.04 -4.90
CA LEU A 168 3.23 -9.76 -4.82
C LEU A 168 2.81 -8.69 -5.81
N GLN A 169 3.61 -7.62 -5.95
CA GLN A 169 3.25 -6.53 -6.87
C GLN A 169 3.20 -6.99 -8.32
N THR A 170 4.16 -7.86 -8.69
CA THR A 170 4.20 -8.37 -10.05
C THR A 170 3.04 -9.29 -10.32
N LEU A 171 2.75 -10.16 -9.36
CA LEU A 171 1.62 -11.05 -9.53
C LEU A 171 0.33 -10.26 -9.65
N ARG A 172 0.18 -9.21 -8.85
CA ARG A 172 -1.02 -8.38 -8.97
C ARG A 172 -1.15 -7.80 -10.38
N GLN A 173 -0.04 -7.27 -10.92
CA GLN A 173 -0.11 -6.68 -12.26
C GLN A 173 -0.55 -7.72 -13.29
N GLN A 174 0.03 -8.91 -13.22
CA GLN A 174 -0.33 -9.94 -14.18
C GLN A 174 -1.78 -10.32 -14.04
N LEU A 175 -2.28 -10.43 -12.79
CA LEU A 175 -3.69 -10.76 -12.55
C LEU A 175 -4.61 -9.63 -13.02
N VAL A 176 -4.22 -8.38 -12.79
CA VAL A 176 -5.07 -7.26 -13.24
C VAL A 176 -5.20 -7.30 -14.77
N THR A 177 -4.08 -7.52 -15.45
CA THR A 177 -4.11 -7.57 -16.92
C THR A 177 -4.99 -8.73 -17.40
N THR A 178 -4.83 -9.89 -16.76
CA THR A 178 -5.57 -11.08 -17.14
C THR A 178 -7.06 -10.90 -16.91
N LEU A 179 -7.42 -10.35 -15.75
CA LEU A 179 -8.83 -10.10 -15.48
C LEU A 179 -9.42 -9.09 -16.44
N SER A 180 -8.63 -8.05 -16.76
CA SER A 180 -9.20 -7.03 -17.65
C SER A 180 -9.33 -7.60 -19.06
N GLU A 181 -8.36 -8.45 -19.46
CA GLU A 181 -8.49 -9.15 -20.73
C GLU A 181 -9.77 -10.00 -20.76
N ARG A 182 -10.03 -10.73 -19.69
CA ARG A 182 -11.22 -11.59 -19.66
C ARG A 182 -12.50 -10.77 -19.71
N GLY A 183 -12.57 -9.65 -18.99
CA GLY A 183 -13.75 -8.80 -19.08
C GLY A 183 -13.94 -8.27 -20.48
N GLN A 184 -12.86 -7.84 -21.12
CA GLN A 184 -12.95 -7.29 -22.48
C GLN A 184 -13.31 -8.36 -23.46
N GLN A 185 -12.84 -9.61 -23.29
CA GLN A 185 -13.24 -10.61 -24.27
C GLN A 185 -14.74 -10.91 -24.17
N ILE A 186 -15.29 -10.83 -22.95
CA ILE A 186 -16.75 -10.98 -22.79
C ILE A 186 -17.48 -9.90 -23.58
N MET A 187 -17.10 -8.64 -23.38
CA MET A 187 -17.69 -7.56 -24.17
C MET A 187 -17.55 -7.80 -25.67
N LEU A 188 -16.43 -8.35 -26.11
CA LEU A 188 -16.31 -8.67 -27.52
C LEU A 188 -17.19 -9.89 -27.78
N GLU B 51 -16.19 7.77 -21.46
CA GLU B 51 -16.08 6.58 -22.28
C GLU B 51 -15.39 5.44 -21.51
N LEU B 52 -15.47 4.23 -22.08
CA LEU B 52 -15.05 3.02 -21.36
C LEU B 52 -13.53 2.90 -21.34
N ASP B 53 -12.85 3.36 -22.40
CA ASP B 53 -11.38 3.39 -22.37
C ASP B 53 -10.88 4.29 -21.25
N GLN B 54 -11.53 5.44 -21.05
N GLN B 54 -11.53 5.44 -21.05
CA GLN B 54 -11.07 6.40 -20.05
CA GLN B 54 -11.05 6.38 -20.06
C GLN B 54 -11.22 5.84 -18.64
C GLN B 54 -11.21 5.83 -18.63
N THR B 55 -12.24 5.01 -18.39
CA THR B 55 -12.41 4.44 -17.04
C THR B 55 -11.26 3.51 -16.66
N ALA B 56 -10.71 2.75 -17.63
CA ALA B 56 -9.57 1.89 -17.32
C ALA B 56 -8.34 2.73 -17.02
N HIS B 57 -8.14 3.82 -17.78
CA HIS B 57 -7.00 4.65 -17.46
C HIS B 57 -7.13 5.29 -16.08
N GLN B 58 -8.33 5.74 -15.72
CA GLN B 58 -8.55 6.37 -14.42
C GLN B 58 -8.36 5.37 -13.28
N SER B 59 -8.83 4.14 -13.48
CA SER B 59 -8.62 3.07 -12.49
C SER B 59 -7.12 2.79 -12.25
N ASP B 60 -6.38 2.60 -13.35
CA ASP B 60 -4.93 2.38 -13.22
C ASP B 60 -4.28 3.55 -12.47
N ARG B 61 -4.60 4.79 -12.86
CA ARG B 61 -3.98 5.94 -12.17
C ARG B 61 -4.24 5.88 -10.68
N LEU B 62 -5.48 5.60 -10.31
CA LEU B 62 -5.86 5.68 -8.90
C LEU B 62 -5.20 4.57 -8.12
N ASN B 63 -5.26 3.38 -8.68
CA ASN B 63 -4.67 2.25 -7.97
C ASN B 63 -3.14 2.39 -7.85
N ASN B 64 -2.46 2.73 -8.95
CA ASN B 64 -1.01 2.88 -8.88
C ASN B 64 -0.67 4.00 -7.91
N ALA B 65 -1.46 5.09 -7.95
CA ALA B 65 -1.16 6.24 -7.08
C ALA B 65 -1.19 5.81 -5.63
N LEU B 66 -2.18 4.98 -5.26
CA LEU B 66 -2.29 4.67 -3.82
C LEU B 66 -1.25 3.65 -3.41
N LEU B 67 -0.91 2.70 -4.31
CA LEU B 67 0.07 1.71 -3.95
C LEU B 67 1.47 2.36 -3.82
N MET B 68 1.79 3.28 -4.72
N MET B 68 1.80 3.30 -4.71
CA MET B 68 3.08 3.98 -4.60
CA MET B 68 3.10 3.97 -4.60
C MET B 68 3.10 4.87 -3.36
C MET B 68 3.12 4.93 -3.41
N ALA B 69 1.96 5.50 -3.06
CA ALA B 69 1.89 6.41 -1.91
C ALA B 69 2.17 5.67 -0.61
N ILE B 70 1.50 4.52 -0.36
CA ILE B 70 1.77 3.79 0.88
C ILE B 70 3.20 3.23 0.87
N ARG B 71 3.69 2.77 -0.30
CA ARG B 71 5.10 2.31 -0.37
C ARG B 71 6.08 3.44 -0.04
N SER B 72 5.77 4.66 -0.41
N SER B 72 5.76 4.68 -0.39
CA SER B 72 6.62 5.81 -0.04
CA SER B 72 6.60 5.81 -0.02
C SER B 72 6.80 5.95 1.50
C SER B 72 6.80 5.88 1.50
N SER B 73 5.70 5.78 2.28
CA SER B 73 5.80 5.81 3.74
C SER B 73 6.55 4.59 4.29
N ALA B 74 6.23 3.38 3.80
CA ALA B 74 6.93 2.19 4.30
C ALA B 74 8.44 2.33 4.08
N ASN B 75 8.84 2.98 2.97
CA ASN B 75 10.26 3.17 2.70
C ASN B 75 10.95 4.15 3.66
N VAL B 76 10.30 5.27 3.99
N VAL B 76 10.31 5.29 3.96
CA VAL B 76 10.97 6.20 4.91
CA VAL B 76 10.90 6.22 4.94
C VAL B 76 11.03 5.64 6.33
C VAL B 76 11.10 5.49 6.26
N SER B 77 10.04 4.85 6.74
CA SER B 77 10.07 4.23 8.06
C SER B 77 11.19 3.18 8.09
N SER B 78 11.29 2.34 7.05
CA SER B 78 12.40 1.40 6.94
C SER B 78 13.74 2.11 6.96
N GLY B 79 13.91 3.18 6.16
CA GLY B 79 15.18 3.92 6.16
C GLY B 79 15.53 4.45 7.56
N PHE B 80 14.54 5.02 8.25
CA PHE B 80 14.76 5.48 9.63
C PHE B 80 15.28 4.35 10.48
N ILE B 81 14.64 3.19 10.41
CA ILE B 81 15.13 2.08 11.21
C ILE B 81 16.53 1.69 10.79
N GLU B 82 16.82 1.79 9.49
CA GLU B 82 18.19 1.48 9.06
C GLU B 82 19.19 2.47 9.65
N GLN B 83 18.86 3.75 9.65
CA GLN B 83 19.75 4.74 10.30
C GLN B 83 19.98 4.41 11.77
N LEU B 84 18.91 4.08 12.51
CA LEU B 84 19.07 3.65 13.90
C LEU B 84 20.03 2.48 14.00
N GLY B 85 20.03 1.57 13.03
CA GLY B 85 21.03 0.56 13.24
C GLY B 85 22.40 0.80 12.58
N GLY B 86 22.68 2.00 12.05
CA GLY B 86 23.96 2.28 11.43
C GLY B 86 24.04 2.00 9.93
N HIS B 87 22.96 1.61 9.29
CA HIS B 87 23.00 1.32 7.86
C HIS B 87 22.74 2.59 7.08
N ASP B 88 23.64 3.55 7.24
CA ASP B 88 23.37 4.86 6.69
C ASP B 88 23.27 4.85 5.15
N GLU B 89 24.17 4.13 4.49
N GLU B 89 24.14 4.10 4.49
CA GLU B 89 24.08 4.00 3.03
CA GLU B 89 24.06 3.97 3.03
C GLU B 89 22.75 3.37 2.64
C GLU B 89 22.73 3.39 2.62
N SER B 90 22.38 2.29 3.33
N SER B 90 22.36 2.28 3.26
CA SER B 90 21.09 1.65 3.10
CA SER B 90 21.05 1.68 3.01
C SER B 90 19.95 2.65 3.28
C SER B 90 19.92 2.67 3.26
N ALA B 91 20.00 3.45 4.34
CA ALA B 91 18.92 4.39 4.64
C ALA B 91 18.70 5.38 3.49
N GLY B 92 19.81 5.85 2.88
CA GLY B 92 19.73 6.87 1.83
C GLY B 92 19.03 6.34 0.60
N LYS B 93 19.23 5.04 0.30
CA LYS B 93 18.50 4.45 -0.82
C LYS B 93 16.99 4.44 -0.55
N ARG B 94 16.54 4.13 0.70
CA ARG B 94 15.11 4.17 0.99
C ARG B 94 14.56 5.59 0.87
N MET B 95 15.31 6.57 1.33
CA MET B 95 14.81 7.92 1.27
C MET B 95 14.61 8.33 -0.17
N ALA B 96 15.62 8.04 -1.04
CA ALA B 96 15.46 8.43 -2.45
C ALA B 96 14.19 7.78 -3.03
N LEU B 97 13.95 6.52 -2.69
N LEU B 97 13.94 6.53 -2.67
CA LEU B 97 12.78 5.80 -3.20
CA LEU B 97 12.81 5.80 -3.21
C LEU B 97 11.49 6.42 -2.71
C LEU B 97 11.49 6.39 -2.70
N SER B 98 11.44 6.73 -1.40
CA SER B 98 10.29 7.43 -0.82
C SER B 98 9.97 8.70 -1.57
N VAL B 99 11.02 9.51 -1.87
CA VAL B 99 10.83 10.76 -2.61
C VAL B 99 10.24 10.48 -4.01
N GLU B 100 10.87 9.56 -4.76
CA GLU B 100 10.44 9.27 -6.13
C GLU B 100 8.97 8.78 -6.16
N LEU B 101 8.63 7.87 -5.25
CA LEU B 101 7.27 7.30 -5.15
C LEU B 101 6.24 8.38 -4.85
N ASN B 102 6.59 9.28 -3.91
CA ASN B 102 5.79 10.45 -3.66
C ASN B 102 5.60 11.29 -4.91
N ASN B 103 6.68 11.56 -5.63
CA ASN B 103 6.56 12.38 -6.83
C ASN B 103 5.65 11.71 -7.86
N LYS B 104 5.91 10.42 -8.14
CA LYS B 104 5.10 9.71 -9.13
C LYS B 104 3.64 9.62 -8.71
N SER B 105 3.36 9.28 -7.44
CA SER B 105 1.95 9.17 -7.06
C SER B 105 1.23 10.52 -7.10
N GLN B 106 1.90 11.62 -6.68
CA GLN B 106 1.30 12.96 -6.80
C GLN B 106 0.92 13.27 -8.23
N ALA B 107 1.82 12.95 -9.17
CA ALA B 107 1.51 13.18 -10.58
C ALA B 107 0.29 12.37 -11.03
N LEU B 108 0.19 11.10 -10.58
CA LEU B 108 -0.97 10.31 -10.99
C LEU B 108 -2.26 10.85 -10.39
N VAL B 109 -2.21 11.31 -9.13
CA VAL B 109 -3.40 11.88 -8.52
C VAL B 109 -3.84 13.10 -9.32
N ASP B 110 -2.88 13.94 -9.65
CA ASP B 110 -3.20 15.16 -10.35
C ASP B 110 -3.83 14.84 -11.70
N GLU B 111 -3.25 13.86 -12.42
CA GLU B 111 -3.84 13.41 -13.68
C GLU B 111 -5.26 12.88 -13.47
N PHE B 112 -5.44 12.04 -12.46
CA PHE B 112 -6.79 11.49 -12.15
C PHE B 112 -7.81 12.61 -11.98
N VAL B 113 -7.44 13.63 -11.20
CA VAL B 113 -8.32 14.75 -10.95
C VAL B 113 -8.60 15.56 -12.21
N GLU B 114 -7.57 15.82 -13.01
N GLU B 114 -7.55 15.81 -13.00
CA GLU B 114 -7.77 16.58 -14.24
CA GLU B 114 -7.69 16.53 -14.26
C GLU B 114 -8.70 15.86 -15.20
C GLU B 114 -8.68 15.86 -15.18
N ASN B 115 -8.80 14.55 -15.09
CA ASN B 115 -9.60 13.76 -16.02
C ASN B 115 -10.96 13.42 -15.45
N ALA B 116 -11.23 13.77 -14.23
CA ALA B 116 -12.48 13.39 -13.55
C ALA B 116 -13.44 14.58 -13.55
N ARG B 117 -13.88 14.95 -14.75
N ARG B 117 -13.90 14.98 -14.73
CA ARG B 117 -14.75 16.11 -14.97
CA ARG B 117 -14.76 16.15 -14.84
C ARG B 117 -16.23 15.82 -14.73
C ARG B 117 -16.25 15.84 -14.74
N GLU B 118 -16.64 14.57 -14.90
CA GLU B 118 -18.01 14.15 -14.68
C GLU B 118 -18.54 14.69 -13.36
N PRO B 119 -19.75 15.25 -13.31
CA PRO B 119 -20.32 15.67 -12.01
C PRO B 119 -20.35 14.58 -10.94
N ALA B 120 -20.59 13.32 -11.32
CA ALA B 120 -20.59 12.24 -10.33
C ALA B 120 -19.23 12.05 -9.64
N LEU B 121 -18.13 12.30 -10.34
CA LEU B 121 -16.80 12.09 -9.78
C LEU B 121 -16.17 13.34 -9.19
N ARG B 122 -16.50 14.48 -9.74
CA ARG B 122 -15.85 15.77 -9.45
C ARG B 122 -15.59 15.97 -7.96
N GLY B 123 -16.62 15.89 -7.14
CA GLY B 123 -16.49 16.11 -5.72
C GLY B 123 -15.66 15.04 -5.02
N LEU B 124 -15.92 13.75 -5.32
CA LEU B 124 -15.05 12.70 -4.77
C LEU B 124 -13.59 12.85 -5.24
N ALA B 125 -13.38 13.22 -6.51
CA ALA B 125 -11.99 13.32 -6.96
C ALA B 125 -11.29 14.49 -6.22
N THR B 126 -12.01 15.59 -5.97
CA THR B 126 -11.41 16.71 -5.22
C THR B 126 -11.10 16.33 -3.79
N GLU B 127 -11.99 15.56 -3.17
CA GLU B 127 -11.72 15.05 -1.82
C GLU B 127 -10.48 14.19 -1.81
N LEU B 128 -10.35 13.31 -2.82
CA LEU B 128 -9.17 12.47 -2.93
C LEU B 128 -7.92 13.32 -2.95
N GLN B 129 -7.92 14.34 -3.80
CA GLN B 129 -6.75 15.20 -3.96
C GLN B 129 -6.39 15.90 -2.67
N ALA B 130 -7.41 16.39 -1.92
CA ALA B 130 -7.10 17.06 -0.66
C ALA B 130 -6.65 16.07 0.41
N THR B 131 -7.25 14.90 0.47
CA THR B 131 -6.75 13.95 1.47
C THR B 131 -5.35 13.45 1.06
N PHE B 132 -5.12 13.28 -0.22
CA PHE B 132 -3.77 12.90 -0.65
C PHE B 132 -2.74 13.95 -0.27
N ALA B 133 -3.07 15.24 -0.44
CA ALA B 133 -2.18 16.33 0.00
C ALA B 133 -1.83 16.20 1.47
N GLU B 134 -2.83 15.89 2.29
N GLU B 134 -2.84 15.90 2.28
CA GLU B 134 -2.67 15.74 3.75
CA GLU B 134 -2.68 15.74 3.75
C GLU B 134 -1.73 14.57 4.02
C GLU B 134 -1.73 14.58 4.02
N TYR B 135 -1.89 13.50 3.26
CA TYR B 135 -1.02 12.34 3.39
C TYR B 135 0.41 12.67 2.94
N ALA B 136 0.57 13.29 1.77
CA ALA B 136 1.93 13.56 1.29
C ALA B 136 2.66 14.54 2.22
N LYS B 137 1.93 15.47 2.83
CA LYS B 137 2.59 16.38 3.75
C LYS B 137 3.04 15.60 5.01
N ALA B 138 2.29 14.60 5.41
CA ALA B 138 2.67 13.80 6.58
C ALA B 138 3.92 12.96 6.28
N VAL B 139 4.00 12.40 5.08
CA VAL B 139 5.18 11.61 4.72
C VAL B 139 6.40 12.50 4.50
N ALA B 140 6.21 13.71 3.97
CA ALA B 140 7.31 14.65 3.93
C ALA B 140 7.77 14.93 5.37
N GLY B 141 6.81 15.00 6.31
CA GLY B 141 7.21 15.18 7.71
C GLY B 141 7.99 13.97 8.21
N GLN B 142 7.69 12.77 7.73
CA GLN B 142 8.46 11.62 8.19
C GLN B 142 9.85 11.67 7.64
N ARG B 143 10.03 12.14 6.40
CA ARG B 143 11.34 12.22 5.85
C ARG B 143 12.13 13.28 6.57
N GLU B 144 11.47 14.39 6.94
CA GLU B 144 12.26 15.42 7.64
C GLU B 144 12.69 14.94 9.04
N ALA B 145 11.80 14.20 9.73
CA ALA B 145 12.14 13.63 11.04
C ALA B 145 13.28 12.63 10.91
N THR B 146 13.32 11.90 9.81
CA THR B 146 14.46 11.02 9.52
C THR B 146 15.75 11.82 9.31
N ARG B 147 15.71 12.86 8.48
N ARG B 147 15.70 12.87 8.48
CA ARG B 147 16.92 13.68 8.28
CA ARG B 147 16.90 13.68 8.27
C ARG B 147 17.37 14.30 9.59
C ARG B 147 17.36 14.33 9.57
N GLN B 148 16.45 14.61 10.48
CA GLN B 148 16.81 15.15 11.78
C GLN B 148 17.09 14.07 12.81
N ARG B 149 16.95 12.80 12.43
CA ARG B 149 17.16 11.67 13.36
C ARG B 149 16.37 11.87 14.65
N SER B 150 15.10 12.31 14.54
CA SER B 150 14.28 12.66 15.69
C SER B 150 13.20 11.60 15.86
N LEU B 151 13.28 10.78 16.89
CA LEU B 151 12.20 9.80 17.08
C LEU B 151 10.88 10.47 17.45
N GLU B 152 10.94 11.54 18.24
CA GLU B 152 9.72 12.19 18.69
C GLU B 152 9.01 12.87 17.54
N GLN B 153 9.77 13.57 16.68
N GLN B 153 9.75 13.56 16.66
CA GLN B 153 9.18 14.18 15.49
CA GLN B 153 9.11 14.19 15.52
C GLN B 153 8.50 13.13 14.62
C GLN B 153 8.51 13.14 14.59
N TYR B 154 9.13 11.97 14.49
CA TYR B 154 8.53 10.91 13.66
C TYR B 154 7.19 10.46 14.25
N PHE B 155 7.15 10.21 15.57
CA PHE B 155 5.91 9.80 16.19
C PHE B 155 4.80 10.80 15.88
N LYS B 156 5.09 12.10 16.01
N LYS B 156 5.09 12.10 16.02
CA LYS B 156 4.04 13.12 15.89
CA LYS B 156 4.06 13.13 15.87
C LYS B 156 3.40 13.17 14.50
C LYS B 156 3.39 13.11 14.51
N VAL B 157 4.11 12.75 13.44
CA VAL B 157 3.52 12.82 12.10
C VAL B 157 2.93 11.46 11.72
N ASN B 158 3.32 10.38 12.42
CA ASN B 158 2.82 9.05 12.10
C ASN B 158 1.31 9.01 12.01
N SER B 159 0.59 9.57 13.02
CA SER B 159 -0.87 9.47 13.01
C SER B 159 -1.46 10.29 11.87
N ASP B 160 -0.82 11.40 11.48
CA ASP B 160 -1.27 12.16 10.31
C ASP B 160 -1.30 11.29 9.05
N ALA B 161 -0.23 10.54 8.83
CA ALA B 161 -0.05 9.72 7.63
C ALA B 161 -0.99 8.52 7.66
N GLY B 162 -1.02 7.81 8.79
CA GLY B 162 -1.86 6.63 8.87
C GLY B 162 -3.35 6.93 8.76
N ASN B 163 -3.84 7.99 9.46
CA ASN B 163 -5.23 8.37 9.37
C ASN B 163 -5.58 8.79 7.92
N ALA B 164 -4.73 9.58 7.26
CA ALA B 164 -5.06 9.96 5.88
C ALA B 164 -5.09 8.72 4.98
N MET B 165 -4.14 7.79 5.15
CA MET B 165 -4.16 6.59 4.27
C MET B 165 -5.40 5.75 4.50
N GLY B 166 -5.85 5.62 5.77
CA GLY B 166 -7.12 4.95 6.01
C GLY B 166 -8.27 5.59 5.24
N ARG B 167 -8.26 6.93 5.15
CA ARG B 167 -9.35 7.57 4.39
C ARG B 167 -9.13 7.37 2.88
N LEU B 168 -7.86 7.33 2.43
CA LEU B 168 -7.60 7.13 1.00
C LEU B 168 -8.09 5.75 0.60
N GLN B 169 -7.92 4.77 1.47
CA GLN B 169 -8.37 3.43 1.11
C GLN B 169 -9.88 3.43 0.90
N THR B 170 -10.65 4.13 1.75
N THR B 170 -10.61 4.09 1.79
CA THR B 170 -12.11 4.08 1.58
CA THR B 170 -12.06 4.15 1.64
C THR B 170 -12.57 4.98 0.44
C THR B 170 -12.41 4.86 0.34
N LEU B 171 -11.84 6.05 0.14
CA LEU B 171 -12.19 6.87 -1.01
C LEU B 171 -11.90 6.15 -2.31
N ARG B 172 -10.78 5.39 -2.33
CA ARG B 172 -10.45 4.58 -3.48
C ARG B 172 -11.60 3.65 -3.82
N GLN B 173 -12.12 2.93 -2.82
CA GLN B 173 -13.26 2.04 -3.04
C GLN B 173 -14.45 2.80 -3.63
N GLN B 174 -14.78 3.95 -3.14
CA GLN B 174 -15.95 4.63 -3.71
C GLN B 174 -15.70 5.13 -5.12
N LEU B 175 -14.48 5.54 -5.38
CA LEU B 175 -14.21 6.04 -6.71
C LEU B 175 -14.31 4.92 -7.73
N VAL B 176 -13.71 3.75 -7.43
CA VAL B 176 -13.81 2.63 -8.37
C VAL B 176 -15.26 2.14 -8.47
N THR B 177 -16.03 2.17 -7.38
CA THR B 177 -17.46 1.87 -7.52
C THR B 177 -18.11 2.84 -8.51
N THR B 178 -17.88 4.14 -8.31
CA THR B 178 -18.46 5.12 -9.20
C THR B 178 -17.92 4.93 -10.62
N LEU B 179 -16.63 4.64 -10.77
CA LEU B 179 -16.08 4.34 -12.10
C LEU B 179 -16.73 3.09 -12.70
N SER B 180 -16.92 2.03 -11.90
CA SER B 180 -17.50 0.79 -12.43
C SER B 180 -18.97 0.92 -12.75
N GLU B 181 -19.63 1.99 -12.27
N GLU B 181 -19.62 1.98 -12.26
CA GLU B 181 -20.93 2.41 -12.73
CA GLU B 181 -20.95 2.34 -12.76
C GLU B 181 -20.89 3.04 -14.12
C GLU B 181 -20.88 3.08 -14.10
N ARG B 182 -19.78 2.87 -14.86
CA ARG B 182 -19.63 3.31 -16.26
C ARG B 182 -19.76 4.84 -16.43
#